data_4PQI
#
_entry.id   4PQI
#
_cell.length_a   41.524
_cell.length_b   77.013
_cell.length_c   82.636
_cell.angle_alpha   90.00
_cell.angle_beta   90.00
_cell.angle_gamma   90.00
#
_symmetry.space_group_name_H-M   'P 21 21 21'
#
loop_
_entity.id
_entity.type
_entity.pdbx_description
1 polymer 'In2-1 family protein, glutathione transferase lambda3'
2 non-polymer GLUTATHIONE
3 non-polymer 'CALCIUM ION'
4 water water
#
_entity_poly.entity_id   1
_entity_poly.type   'polypeptide(L)'
_entity_poly.pdbx_seq_one_letter_code
;MATASALDKSVPEKLAPPLDATAEQPPLFDGTTKLYTCYTCPFAQRVWITRNFKGLQDEIKLVPLILQNRPAWYPEKVYP
PNKVPSLEHNGKITGESLDLIKYLESNFEGPSLLPKDPAKKEFAEELFSYTDKFNGTVYTAFKGDLAKEAGPAFDHLENA
LHKFDDGPFFLGKEFSLVDIAYIPFVERLNIFLLEVFKYDITAGRQKLAAWIEEVNKIEAYKQTKTDPKELVEFYKKRFL
A
;
_entity_poly.pdbx_strand_id   A
#
# COMPACT_ATOMS: atom_id res chain seq x y z
N THR A 3 7.15 20.10 -2.74
CA THR A 3 6.32 19.18 -1.96
C THR A 3 6.13 17.85 -2.67
N ALA A 4 5.48 16.92 -1.98
CA ALA A 4 5.24 15.59 -2.55
C ALA A 4 4.19 15.67 -3.67
N SER A 5 3.21 16.56 -3.48
CA SER A 5 2.15 16.76 -4.45
C SER A 5 2.67 17.35 -5.77
N ALA A 6 3.62 18.28 -5.66
CA ALA A 6 4.25 18.87 -6.83
C ALA A 6 5.03 17.82 -7.64
N LEU A 7 5.60 16.85 -6.95
CA LEU A 7 6.47 15.85 -7.55
C LEU A 7 5.69 14.70 -8.19
N ASP A 8 4.43 14.56 -7.76
CA ASP A 8 3.50 13.51 -8.19
C ASP A 8 3.22 13.56 -9.70
N LYS A 9 3.41 12.45 -10.40
CA LYS A 9 3.20 12.43 -11.84
C LYS A 9 1.90 11.74 -12.26
N SER A 10 1.05 11.46 -11.28
CA SER A 10 -0.21 10.75 -11.53
C SER A 10 -1.22 11.64 -12.22
N VAL A 11 -2.12 11.01 -12.97
CA VAL A 11 -3.27 11.70 -13.54
C VAL A 11 -4.55 10.96 -13.12
N PRO A 12 -5.70 11.67 -13.13
CA PRO A 12 -7.00 11.02 -12.93
C PRO A 12 -7.15 9.83 -13.86
N GLU A 13 -7.71 8.74 -13.36
CA GLU A 13 -7.77 7.51 -14.12
C GLU A 13 -9.16 6.86 -14.05
N LYS A 14 -9.70 6.49 -15.20
CA LYS A 14 -10.92 5.70 -15.25
C LYS A 14 -10.61 4.25 -14.83
N LEU A 15 -11.42 3.70 -13.94
CA LEU A 15 -11.19 2.33 -13.44
C LEU A 15 -12.14 1.34 -14.11
N ALA A 16 -11.57 0.29 -14.69
CA ALA A 16 -12.37 -0.81 -15.27
C ALA A 16 -12.96 -1.70 -14.18
N PRO A 17 -14.13 -2.29 -14.43
CA PRO A 17 -14.76 -3.18 -13.43
C PRO A 17 -13.87 -4.41 -13.18
N PRO A 18 -13.87 -4.92 -11.95
CA PRO A 18 -13.03 -6.11 -11.73
C PRO A 18 -13.55 -7.33 -12.51
N LEU A 19 -12.63 -8.21 -12.90
CA LEU A 19 -12.97 -9.40 -13.67
C LEU A 19 -13.46 -10.54 -12.78
N ASP A 20 -14.61 -11.11 -13.11
CA ASP A 20 -15.15 -12.23 -12.34
C ASP A 20 -14.67 -13.57 -12.88
N ALA A 21 -15.23 -14.64 -12.32
CA ALA A 21 -14.77 -16.00 -12.62
C ALA A 21 -14.89 -16.38 -14.09
N THR A 22 -15.84 -15.77 -14.80
CA THR A 22 -16.09 -16.10 -16.21
C THR A 22 -15.37 -15.15 -17.18
N ALA A 23 -14.63 -14.16 -16.66
CA ALA A 23 -13.96 -13.17 -17.54
C ALA A 23 -12.86 -13.77 -18.44
N GLU A 24 -12.72 -13.17 -19.61
CA GLU A 24 -11.67 -13.57 -20.53
C GLU A 24 -10.32 -13.22 -19.94
N GLN A 25 -9.32 -13.98 -20.30
CA GLN A 25 -7.99 -13.72 -19.82
C GLN A 25 -7.28 -12.72 -20.75
N PRO A 26 -6.67 -11.65 -20.18
CA PRO A 26 -5.84 -10.73 -20.98
C PRO A 26 -4.68 -11.49 -21.61
N PRO A 27 -4.21 -11.08 -22.79
CA PRO A 27 -3.11 -11.76 -23.47
C PRO A 27 -1.89 -11.85 -22.55
N LEU A 28 -1.33 -13.04 -22.39
CA LEU A 28 -0.23 -13.28 -21.45
C LEU A 28 1.11 -13.22 -22.20
N PHE A 29 2.02 -12.38 -21.72
CA PHE A 29 3.33 -12.21 -22.34
C PHE A 29 3.24 -11.79 -23.81
N ASP A 30 2.36 -10.83 -24.08
CA ASP A 30 2.23 -10.23 -25.42
C ASP A 30 3.13 -9.00 -25.52
N GLY A 31 3.81 -8.69 -24.43
CA GLY A 31 4.70 -7.54 -24.36
C GLY A 31 4.13 -6.35 -23.62
N THR A 32 2.86 -6.45 -23.22
CA THR A 32 2.22 -5.40 -22.44
C THR A 32 2.39 -5.69 -20.97
N THR A 33 2.83 -4.67 -20.24
CA THR A 33 3.06 -4.79 -18.80
C THR A 33 1.76 -4.70 -17.99
N LYS A 34 1.53 -5.67 -17.10
CA LYS A 34 0.25 -5.76 -16.40
C LYS A 34 0.42 -5.98 -14.91
N LEU A 35 -0.39 -5.27 -14.12
CA LEU A 35 -0.48 -5.47 -12.67
C LEU A 35 -1.78 -6.18 -12.31
N TYR A 36 -1.70 -7.46 -11.97
CA TYR A 36 -2.86 -8.24 -11.52
C TYR A 36 -3.13 -7.84 -10.08
N THR A 37 -4.36 -7.44 -9.80
CA THR A 37 -4.64 -6.73 -8.56
C THR A 37 -6.09 -6.91 -8.11
N CYS A 38 -6.41 -6.35 -6.95
CA CYS A 38 -7.77 -6.27 -6.43
C CYS A 38 -7.88 -4.88 -5.80
N TYR A 39 -8.92 -4.14 -6.15
CA TYR A 39 -9.00 -2.72 -5.79
C TYR A 39 -9.01 -2.43 -4.30
N THR A 40 -9.41 -3.40 -3.47
CA THR A 40 -9.48 -3.16 -2.03
C THR A 40 -8.34 -3.84 -1.27
N CYS A 41 -7.41 -4.48 -1.99
CA CYS A 41 -6.32 -5.18 -1.33
C CYS A 41 -5.23 -4.17 -0.98
N PRO A 42 -4.87 -4.08 0.31
CA PRO A 42 -3.87 -3.11 0.78
C PRO A 42 -2.45 -3.45 0.32
N PHE A 43 -2.14 -4.73 0.09
CA PHE A 43 -0.81 -5.08 -0.42
C PHE A 43 -0.68 -4.58 -1.86
N ALA A 44 -1.71 -4.85 -2.67
CA ALA A 44 -1.76 -4.34 -4.03
C ALA A 44 -1.80 -2.80 -4.07
N GLN A 45 -2.50 -2.19 -3.11
CA GLN A 45 -2.57 -0.75 -3.06
C GLN A 45 -1.18 -0.12 -3.03
N ARG A 46 -0.26 -0.74 -2.28
CA ARG A 46 1.14 -0.29 -2.28
C ARG A 46 1.64 -0.11 -3.71
N VAL A 47 1.46 -1.11 -4.55
CA VAL A 47 2.02 -1.04 -5.89
C VAL A 47 1.25 -0.02 -6.72
N TRP A 48 -0.07 0.02 -6.51
CA TRP A 48 -0.93 0.98 -7.18
C TRP A 48 -0.49 2.44 -6.99
N ILE A 49 -0.26 2.83 -5.73
CA ILE A 49 0.21 4.17 -5.41
C ILE A 49 1.57 4.46 -6.08
N THR A 50 2.47 3.50 -6.03
CA THR A 50 3.79 3.65 -6.62
C THR A 50 3.68 3.87 -8.13
N ARG A 51 2.86 3.06 -8.79
CA ARG A 51 2.58 3.18 -10.23
C ARG A 51 2.12 4.59 -10.58
N ASN A 52 1.16 5.09 -9.79
CA ASN A 52 0.56 6.39 -10.00
C ASN A 52 1.59 7.51 -9.83
N PHE A 53 2.26 7.53 -8.68
CA PHE A 53 3.23 8.58 -8.37
C PHE A 53 4.33 8.72 -9.43
N LYS A 54 4.90 7.60 -9.86
CA LYS A 54 5.99 7.64 -10.83
C LYS A 54 5.53 7.99 -12.25
N GLY A 55 4.21 8.03 -12.44
CA GLY A 55 3.61 8.39 -13.72
C GLY A 55 3.59 7.22 -14.65
N LEU A 56 3.45 6.01 -14.11
CA LEU A 56 3.48 4.78 -14.92
C LEU A 56 2.10 4.19 -15.22
N GLN A 57 1.07 5.02 -15.25
CA GLN A 57 -0.29 4.51 -15.45
C GLN A 57 -0.55 3.94 -16.85
N ASP A 58 -0.01 4.60 -17.89
CA ASP A 58 -0.16 4.06 -19.23
C ASP A 58 0.73 2.84 -19.46
N GLU A 59 1.91 2.86 -18.85
CA GLU A 59 2.87 1.76 -18.96
C GLU A 59 2.39 0.46 -18.31
N ILE A 60 1.76 0.59 -17.15
CA ILE A 60 1.35 -0.57 -16.35
C ILE A 60 -0.16 -0.72 -16.33
N LYS A 61 -0.67 -1.63 -17.14
CA LYS A 61 -2.10 -1.87 -17.22
C LYS A 61 -2.60 -2.56 -15.95
N LEU A 62 -3.73 -2.10 -15.40
CA LEU A 62 -4.36 -2.82 -14.29
C LEU A 62 -5.24 -3.99 -14.79
N VAL A 63 -5.14 -5.13 -14.12
CA VAL A 63 -6.06 -6.23 -14.33
C VAL A 63 -6.67 -6.54 -12.95
N PRO A 64 -7.79 -5.88 -12.62
CA PRO A 64 -8.42 -6.11 -11.31
C PRO A 64 -9.30 -7.36 -11.29
N LEU A 65 -9.22 -8.12 -10.20
CA LEU A 65 -9.91 -9.39 -10.05
C LEU A 65 -10.86 -9.29 -8.87
N ILE A 66 -11.95 -10.05 -8.92
CA ILE A 66 -12.77 -10.23 -7.74
C ILE A 66 -12.21 -11.45 -7.04
N LEU A 67 -11.49 -11.25 -5.94
CA LEU A 67 -10.81 -12.38 -5.26
C LEU A 67 -11.76 -13.44 -4.72
N GLN A 68 -12.94 -13.02 -4.24
CA GLN A 68 -13.95 -13.97 -3.75
C GLN A 68 -14.56 -14.85 -4.86
N ASN A 69 -14.31 -14.48 -6.11
CA ASN A 69 -14.86 -15.19 -7.26
C ASN A 69 -13.95 -14.97 -8.47
N ARG A 70 -12.71 -15.45 -8.37
CA ARG A 70 -11.69 -15.06 -9.32
C ARG A 70 -11.61 -16.04 -10.49
N PRO A 71 -11.18 -15.55 -11.66
CA PRO A 71 -11.02 -16.48 -12.78
C PRO A 71 -9.97 -17.53 -12.45
N ALA A 72 -10.30 -18.78 -12.72
CA ALA A 72 -9.42 -19.91 -12.52
C ALA A 72 -8.11 -19.75 -13.30
N TRP A 73 -8.14 -19.03 -14.42
CA TRP A 73 -6.91 -18.87 -15.22
C TRP A 73 -5.79 -18.12 -14.47
N TYR A 74 -6.15 -17.44 -13.40
CA TYR A 74 -5.13 -16.70 -12.66
C TYR A 74 -4.12 -17.63 -11.92
N PRO A 75 -4.62 -18.52 -11.02
CA PRO A 75 -3.65 -19.46 -10.45
C PRO A 75 -3.15 -20.48 -11.47
N GLU A 76 -4.00 -20.87 -12.42
CA GLU A 76 -3.61 -21.92 -13.36
C GLU A 76 -2.62 -21.43 -14.43
N LYS A 77 -2.79 -20.20 -14.91
CA LYS A 77 -2.05 -19.76 -16.08
C LYS A 77 -1.15 -18.54 -15.86
N VAL A 78 -1.38 -17.79 -14.78
CA VAL A 78 -0.63 -16.56 -14.59
C VAL A 78 0.32 -16.67 -13.40
N TYR A 79 -0.24 -16.99 -12.23
CA TYR A 79 0.52 -16.85 -10.99
C TYR A 79 0.10 -17.90 -9.96
N PRO A 80 0.83 -19.02 -9.92
CA PRO A 80 0.51 -20.16 -9.05
C PRO A 80 0.35 -19.85 -7.56
N PRO A 81 1.13 -18.93 -6.97
CA PRO A 81 0.84 -18.61 -5.56
C PRO A 81 -0.58 -18.10 -5.33
N ASN A 82 -1.24 -17.63 -6.39
CA ASN A 82 -2.66 -17.26 -6.35
C ASN A 82 -2.97 -16.17 -5.31
N LYS A 83 -2.20 -15.09 -5.38
CA LYS A 83 -2.42 -13.90 -4.58
C LYS A 83 -2.13 -12.69 -5.45
N VAL A 84 -2.66 -11.53 -5.04
CA VAL A 84 -2.34 -10.24 -5.68
C VAL A 84 -1.58 -9.37 -4.66
N PRO A 85 -0.71 -8.48 -5.13
CA PRO A 85 -0.42 -8.20 -6.55
C PRO A 85 0.61 -9.12 -7.19
N SER A 86 0.57 -9.22 -8.51
CA SER A 86 1.68 -9.75 -9.27
C SER A 86 1.88 -8.85 -10.48
N LEU A 87 3.10 -8.74 -10.93
CA LEU A 87 3.41 -7.87 -12.05
C LEU A 87 3.95 -8.68 -13.22
N GLU A 88 3.34 -8.47 -14.38
CA GLU A 88 3.77 -9.10 -15.62
C GLU A 88 4.66 -8.14 -16.38
N HIS A 89 5.94 -8.49 -16.51
CA HIS A 89 6.92 -7.58 -17.13
C HIS A 89 8.18 -8.37 -17.51
N ASN A 90 8.73 -8.11 -18.69
CA ASN A 90 9.95 -8.78 -19.14
C ASN A 90 9.84 -10.31 -19.13
N GLY A 91 8.68 -10.84 -19.49
CA GLY A 91 8.51 -12.27 -19.68
C GLY A 91 8.44 -13.07 -18.38
N LYS A 92 8.15 -12.40 -17.28
CA LYS A 92 7.87 -13.11 -16.03
C LYS A 92 6.78 -12.43 -15.22
N ILE A 93 6.21 -13.18 -14.29
CA ILE A 93 5.25 -12.67 -13.33
C ILE A 93 5.92 -12.63 -11.96
N THR A 94 6.05 -11.42 -11.39
CA THR A 94 6.71 -11.25 -10.09
C THR A 94 5.70 -10.85 -9.02
N GLY A 95 5.79 -11.47 -7.84
CA GLY A 95 4.87 -11.17 -6.75
C GLY A 95 5.57 -10.47 -5.60
N GLU A 96 4.89 -10.34 -4.47
CA GLU A 96 5.39 -9.68 -3.25
C GLU A 96 5.39 -8.16 -3.38
N SER A 97 4.41 -7.53 -2.73
CA SER A 97 4.18 -6.09 -2.86
C SER A 97 5.42 -5.23 -2.57
N LEU A 98 6.22 -5.59 -1.57
CA LEU A 98 7.44 -4.83 -1.24
C LEU A 98 8.53 -4.98 -2.30
N ASP A 99 8.74 -6.19 -2.79
CA ASP A 99 9.62 -6.43 -3.93
C ASP A 99 9.17 -5.65 -5.16
N LEU A 100 7.85 -5.55 -5.35
CA LEU A 100 7.36 -4.85 -6.53
C LEU A 100 7.56 -3.32 -6.46
N ILE A 101 7.32 -2.71 -5.31
CA ILE A 101 7.50 -1.25 -5.24
C ILE A 101 8.98 -0.90 -5.36
N LYS A 102 9.81 -1.78 -4.84
CA LYS A 102 11.26 -1.61 -5.00
C LYS A 102 11.69 -1.73 -6.45
N TYR A 103 11.02 -2.61 -7.18
CA TYR A 103 11.36 -2.89 -8.58
C TYR A 103 10.92 -1.75 -9.51
N LEU A 104 9.72 -1.21 -9.27
CA LEU A 104 9.28 -0.01 -9.97
C LEU A 104 10.28 1.11 -9.73
N GLU A 105 10.69 1.32 -8.49
CA GLU A 105 11.67 2.36 -8.18
C GLU A 105 13.07 2.16 -8.79
N SER A 106 13.55 0.92 -8.87
CA SER A 106 14.90 0.68 -9.37
C SER A 106 14.99 0.60 -10.92
N ASN A 107 13.88 0.23 -11.56
CA ASN A 107 13.94 -0.17 -12.96
C ASN A 107 12.98 0.52 -13.93
N PHE A 108 12.18 1.45 -13.42
CA PHE A 108 11.20 2.13 -14.27
C PHE A 108 11.44 3.63 -14.23
N GLU A 109 10.87 4.35 -15.20
CA GLU A 109 11.02 5.80 -15.24
C GLU A 109 10.15 6.46 -14.19
N GLY A 110 10.41 7.74 -13.92
CA GLY A 110 9.59 8.52 -13.03
C GLY A 110 10.39 9.09 -11.89
N PRO A 111 9.82 10.04 -11.13
CA PRO A 111 10.42 10.66 -9.96
C PRO A 111 10.79 9.64 -8.88
N SER A 112 11.79 10.00 -8.10
CA SER A 112 12.38 9.11 -7.10
C SER A 112 11.47 8.88 -5.89
N LEU A 113 11.37 7.63 -5.45
CA LEU A 113 10.67 7.29 -4.23
C LEU A 113 11.60 6.70 -3.17
N LEU A 114 12.91 6.84 -3.39
CA LEU A 114 13.92 6.56 -2.36
C LEU A 114 14.97 7.66 -2.45
N PRO A 115 15.31 8.30 -1.32
CA PRO A 115 16.30 9.36 -1.35
C PRO A 115 17.69 8.77 -1.47
N LYS A 116 18.69 9.62 -1.71
CA LYS A 116 20.05 9.16 -1.95
C LYS A 116 20.83 9.03 -0.64
N ASP A 117 20.52 9.90 0.33
CA ASP A 117 21.15 9.91 1.64
C ASP A 117 21.26 8.50 2.23
N PRO A 118 22.50 8.04 2.46
CA PRO A 118 22.83 6.71 2.98
C PRO A 118 22.18 6.39 4.33
N ALA A 119 22.09 7.38 5.22
CA ALA A 119 21.44 7.15 6.52
C ALA A 119 19.94 6.92 6.36
N LYS A 120 19.34 7.61 5.39
CA LYS A 120 17.93 7.44 5.11
C LYS A 120 17.66 6.08 4.45
N LYS A 121 18.55 5.67 3.54
CA LYS A 121 18.50 4.35 2.91
C LYS A 121 18.52 3.24 3.95
N GLU A 122 19.41 3.37 4.94
CA GLU A 122 19.45 2.39 6.03
C GLU A 122 18.18 2.35 6.88
N PHE A 123 17.67 3.51 7.26
CA PHE A 123 16.43 3.56 8.03
C PHE A 123 15.27 2.97 7.24
N ALA A 124 15.28 3.17 5.93
CA ALA A 124 14.22 2.64 5.07
C ALA A 124 14.20 1.11 5.16
N GLU A 125 15.39 0.52 5.23
CA GLU A 125 15.47 -0.94 5.28
C GLU A 125 14.95 -1.46 6.61
N GLU A 126 15.21 -0.70 7.69
CA GLU A 126 14.73 -1.09 9.00
C GLU A 126 13.20 -1.06 9.00
N LEU A 127 12.64 0.01 8.44
CA LEU A 127 11.19 0.14 8.37
C LEU A 127 10.51 -0.90 7.47
N PHE A 128 11.10 -1.21 6.31
CA PHE A 128 10.62 -2.32 5.48
C PHE A 128 10.56 -3.65 6.27
N SER A 129 11.63 -3.92 7.01
CA SER A 129 11.71 -5.13 7.80
C SER A 129 10.60 -5.18 8.86
N TYR A 130 10.23 -4.02 9.39
CA TYR A 130 9.22 -3.97 10.44
C TYR A 130 7.77 -4.08 9.91
N THR A 131 7.57 -4.04 8.60
CA THR A 131 6.19 -4.00 8.07
C THR A 131 5.30 -5.18 8.48
N ASP A 132 5.80 -6.40 8.37
CA ASP A 132 5.00 -7.56 8.72
C ASP A 132 4.85 -7.70 10.25
N LYS A 133 5.85 -7.24 11.01
CA LYS A 133 5.68 -7.19 12.47
C LYS A 133 4.62 -6.16 12.91
N PHE A 134 4.60 -5.00 12.25
CA PHE A 134 3.53 -4.02 12.47
C PHE A 134 2.15 -4.64 12.21
N ASN A 135 1.99 -5.26 11.04
CA ASN A 135 0.70 -5.86 10.70
C ASN A 135 0.37 -7.00 11.65
N GLY A 136 1.39 -7.80 11.96
CA GLY A 136 1.22 -8.93 12.86
C GLY A 136 0.72 -8.51 14.22
N THR A 137 1.25 -7.39 14.71
CA THR A 137 0.91 -6.92 16.04
C THR A 137 -0.52 -6.38 16.10
N VAL A 138 -0.85 -5.44 15.20
CA VAL A 138 -2.16 -4.78 15.25
C VAL A 138 -3.32 -5.72 14.87
N TYR A 139 -3.13 -6.51 13.81
CA TYR A 139 -4.19 -7.39 13.34
C TYR A 139 -4.50 -8.56 14.29
N THR A 140 -3.63 -8.78 15.27
CA THR A 140 -3.91 -9.78 16.29
C THR A 140 -4.31 -9.16 17.62
N ALA A 141 -4.62 -7.86 17.60
CA ALA A 141 -4.90 -7.13 18.85
C ALA A 141 -6.39 -6.87 19.10
N PHE A 142 -7.23 -7.26 18.14
CA PHE A 142 -8.64 -6.87 18.16
C PHE A 142 -9.41 -7.42 19.35
N LYS A 143 -8.96 -8.54 19.89
CA LYS A 143 -9.68 -9.16 21.01
C LYS A 143 -9.13 -8.76 22.38
N GLY A 144 -8.13 -7.89 22.42
CA GLY A 144 -7.51 -7.55 23.68
C GLY A 144 -7.57 -6.07 24.00
N ASP A 145 -6.83 -5.66 25.03
CA ASP A 145 -6.70 -4.26 25.38
C ASP A 145 -5.86 -3.58 24.30
N LEU A 146 -6.50 -2.68 23.54
CA LEU A 146 -5.86 -2.14 22.34
C LEU A 146 -4.62 -1.31 22.62
N ALA A 147 -4.65 -0.54 23.71
CA ALA A 147 -3.51 0.31 24.09
C ALA A 147 -2.27 -0.52 24.45
N LYS A 148 -2.50 -1.71 25.01
CA LYS A 148 -1.41 -2.62 25.36
C LYS A 148 -0.97 -3.42 24.15
N GLU A 149 -1.94 -3.83 23.33
CA GLU A 149 -1.69 -4.76 22.24
C GLU A 149 -1.33 -4.08 20.92
N ALA A 150 -2.10 -3.06 20.54
CA ALA A 150 -1.85 -2.36 19.29
C ALA A 150 -1.01 -1.09 19.49
N GLY A 151 -1.16 -0.47 20.67
CA GLY A 151 -0.45 0.75 20.99
C GLY A 151 1.05 0.76 20.69
N PRO A 152 1.79 -0.26 21.15
CA PRO A 152 3.25 -0.30 20.93
C PRO A 152 3.62 -0.25 19.45
N ALA A 153 2.76 -0.77 18.58
CA ALA A 153 3.05 -0.77 17.16
C ALA A 153 2.86 0.62 16.55
N PHE A 154 1.79 1.32 16.92
CA PHE A 154 1.64 2.71 16.52
C PHE A 154 2.70 3.61 17.17
N ASP A 155 3.11 3.27 18.38
CA ASP A 155 4.18 4.03 19.06
C ASP A 155 5.48 3.90 18.25
N HIS A 156 5.75 2.70 17.76
CA HIS A 156 6.93 2.47 16.95
C HIS A 156 6.92 3.40 15.72
N LEU A 157 5.77 3.53 15.07
CA LEU A 157 5.67 4.46 13.94
C LEU A 157 5.80 5.92 14.37
N GLU A 158 5.17 6.28 15.48
CA GLU A 158 5.31 7.64 16.02
C GLU A 158 6.78 7.98 16.29
N ASN A 159 7.48 7.07 16.97
CA ASN A 159 8.89 7.30 17.30
C ASN A 159 9.80 7.31 16.06
N ALA A 160 9.56 6.40 15.11
CA ALA A 160 10.27 6.39 13.84
C ALA A 160 10.18 7.76 13.15
N LEU A 161 9.01 8.40 13.22
CA LEU A 161 8.81 9.70 12.58
C LEU A 161 9.60 10.85 13.24
N HIS A 162 10.17 10.61 14.42
CA HIS A 162 11.06 11.58 15.06
C HIS A 162 12.51 11.46 14.60
N LYS A 163 12.83 10.44 13.79
CA LYS A 163 14.22 10.23 13.39
C LYS A 163 14.76 11.36 12.48
N PHE A 164 14.06 11.66 11.40
CA PHE A 164 14.50 12.69 10.47
C PHE A 164 13.63 13.94 10.61
N ASP A 165 14.26 15.07 10.93
CA ASP A 165 13.52 16.30 11.24
C ASP A 165 13.44 17.31 10.11
N ASP A 166 13.61 16.84 8.89
CA ASP A 166 13.54 17.72 7.73
C ASP A 166 12.21 17.56 6.98
N GLY A 167 11.23 16.90 7.60
CA GLY A 167 9.93 16.75 6.98
C GLY A 167 9.09 15.68 7.65
N PRO A 168 7.80 15.58 7.25
CA PRO A 168 6.80 14.76 7.95
C PRO A 168 6.76 13.28 7.55
N PHE A 169 7.55 12.86 6.57
CA PHE A 169 7.50 11.49 6.09
C PHE A 169 8.50 10.63 6.87
N PHE A 170 8.41 9.30 6.74
CA PHE A 170 9.34 8.44 7.47
C PHE A 170 10.81 8.77 7.23
N LEU A 171 11.15 9.16 6.00
CA LEU A 171 12.54 9.51 5.73
C LEU A 171 12.75 11.03 5.70
N GLY A 172 11.80 11.78 6.23
CA GLY A 172 11.96 13.22 6.35
C GLY A 172 11.26 14.06 5.29
N LYS A 173 12.07 14.82 4.55
CA LYS A 173 11.59 15.74 3.53
C LYS A 173 10.71 15.09 2.43
N GLU A 174 11.17 13.97 1.88
CA GLU A 174 10.56 13.43 0.67
C GLU A 174 9.64 12.23 0.94
N PHE A 175 8.48 12.23 0.29
CA PHE A 175 7.61 11.05 0.22
C PHE A 175 8.41 9.89 -0.39
N SER A 176 8.27 8.69 0.17
CA SER A 176 9.05 7.54 -0.27
C SER A 176 8.29 6.21 -0.26
N LEU A 177 8.97 5.16 -0.69
CA LEU A 177 8.44 3.80 -0.65
C LEU A 177 7.99 3.35 0.77
N VAL A 178 8.65 3.89 1.79
CA VAL A 178 8.33 3.56 3.17
C VAL A 178 6.93 4.05 3.55
N ASP A 179 6.65 5.31 3.29
CA ASP A 179 5.30 5.87 3.47
C ASP A 179 4.27 5.01 2.72
N ILE A 180 4.58 4.68 1.48
CA ILE A 180 3.69 3.88 0.63
C ILE A 180 3.43 2.49 1.21
N ALA A 181 4.47 1.88 1.77
CA ALA A 181 4.35 0.55 2.36
C ALA A 181 3.35 0.53 3.53
N TYR A 182 3.36 1.58 4.35
CA TYR A 182 2.54 1.63 5.55
C TYR A 182 1.12 2.18 5.39
N ILE A 183 0.96 3.19 4.56
CA ILE A 183 -0.32 3.91 4.48
C ILE A 183 -1.56 3.04 4.20
N PRO A 184 -1.47 1.99 3.33
CA PRO A 184 -2.73 1.26 3.13
C PRO A 184 -3.23 0.59 4.40
N PHE A 185 -2.31 0.21 5.27
CA PHE A 185 -2.68 -0.51 6.48
C PHE A 185 -3.10 0.47 7.58
N VAL A 186 -2.36 1.57 7.70
CA VAL A 186 -2.73 2.62 8.64
C VAL A 186 -4.11 3.18 8.28
N GLU A 187 -4.34 3.42 6.98
CA GLU A 187 -5.64 3.85 6.46
C GLU A 187 -6.79 2.99 6.98
N ARG A 188 -6.68 1.68 6.77
CA ARG A 188 -7.74 0.75 7.16
C ARG A 188 -7.83 0.59 8.67
N LEU A 189 -6.69 0.49 9.33
CA LEU A 189 -6.66 0.34 10.78
C LEU A 189 -7.28 1.55 11.47
N ASN A 190 -6.98 2.75 10.96
CA ASN A 190 -7.49 3.98 11.52
C ASN A 190 -9.02 3.95 11.51
N ILE A 191 -9.60 3.60 10.37
CA ILE A 191 -11.06 3.53 10.25
C ILE A 191 -11.67 2.44 11.13
N PHE A 192 -11.06 1.26 11.12
CA PHE A 192 -11.63 0.11 11.82
C PHE A 192 -11.60 0.30 13.34
N LEU A 193 -10.44 0.67 13.87
CA LEU A 193 -10.26 0.86 15.32
C LEU A 193 -11.15 1.97 15.88
N LEU A 194 -11.25 3.08 15.15
CA LEU A 194 -12.03 4.21 15.63
C LEU A 194 -13.52 3.87 15.58
N GLU A 195 -13.97 3.29 14.48
CA GLU A 195 -15.40 3.02 14.32
C GLU A 195 -15.89 1.89 15.21
N VAL A 196 -15.09 0.84 15.35
CA VAL A 196 -15.56 -0.33 16.08
C VAL A 196 -15.10 -0.37 17.54
N PHE A 197 -13.90 0.11 17.82
CA PHE A 197 -13.37 0.04 19.18
C PHE A 197 -13.29 1.38 19.91
N LYS A 198 -13.68 2.46 19.24
CA LYS A 198 -13.56 3.81 19.77
C LYS A 198 -12.11 4.11 20.15
N TYR A 199 -11.19 3.66 19.30
CA TYR A 199 -9.77 3.86 19.54
C TYR A 199 -9.18 4.76 18.46
N ASP A 200 -8.70 5.93 18.87
CA ASP A 200 -8.09 6.89 17.97
C ASP A 200 -6.58 6.67 17.98
N ILE A 201 -6.06 6.21 16.86
CA ILE A 201 -4.62 5.90 16.77
C ILE A 201 -3.78 7.17 16.79
N THR A 202 -4.41 8.31 16.52
CA THR A 202 -3.69 9.58 16.47
C THR A 202 -3.59 10.26 17.84
N ALA A 203 -4.33 9.75 18.82
CA ALA A 203 -4.26 10.30 20.19
C ALA A 203 -2.88 10.05 20.82
N GLY A 204 -2.17 11.13 21.13
CA GLY A 204 -0.85 11.02 21.74
C GLY A 204 0.26 10.78 20.74
N ARG A 205 -0.10 10.79 19.46
CA ARG A 205 0.82 10.50 18.36
C ARG A 205 0.75 11.61 17.32
N GLN A 206 1.29 12.76 17.71
CA GLN A 206 1.27 13.97 16.91
CA GLN A 206 1.28 13.97 16.91
C GLN A 206 1.87 13.77 15.53
N LYS A 207 3.04 13.16 15.47
CA LYS A 207 3.77 13.01 14.22
C LYS A 207 3.05 12.05 13.29
N LEU A 208 2.39 11.06 13.86
CA LEU A 208 1.63 10.10 13.06
C LEU A 208 0.43 10.81 12.44
N ALA A 209 -0.20 11.69 13.20
CA ALA A 209 -1.32 12.48 12.70
C ALA A 209 -0.89 13.38 11.54
N ALA A 210 0.26 14.01 11.67
CA ALA A 210 0.80 14.86 10.61
C ALA A 210 1.11 14.05 9.37
N TRP A 211 1.68 12.87 9.58
CA TRP A 211 1.99 11.93 8.51
C TRP A 211 0.74 11.53 7.69
N ILE A 212 -0.32 11.11 8.38
CA ILE A 212 -1.57 10.75 7.68
C ILE A 212 -2.11 11.92 6.85
N GLU A 213 -2.14 13.11 7.45
CA GLU A 213 -2.58 14.30 6.77
C GLU A 213 -1.74 14.60 5.53
N GLU A 214 -0.43 14.45 5.65
CA GLU A 214 0.45 14.84 4.54
C GLU A 214 0.44 13.81 3.41
N VAL A 215 0.35 12.53 3.76
CA VAL A 215 0.24 11.50 2.73
C VAL A 215 -1.08 11.70 1.99
N ASN A 216 -2.11 12.10 2.73
CA ASN A 216 -3.42 12.33 2.12
C ASN A 216 -3.56 13.52 1.17
N LYS A 217 -2.55 14.39 1.11
CA LYS A 217 -2.56 15.50 0.15
C LYS A 217 -2.12 15.01 -1.25
N ILE A 218 -1.58 13.82 -1.30
CA ILE A 218 -0.98 13.33 -2.53
C ILE A 218 -1.99 12.62 -3.41
N GLU A 219 -2.22 13.17 -4.60
CA GLU A 219 -3.21 12.65 -5.55
C GLU A 219 -2.98 11.17 -5.89
N ALA A 220 -1.72 10.78 -6.04
CA ALA A 220 -1.39 9.40 -6.37
C ALA A 220 -2.01 8.44 -5.35
N TYR A 221 -1.98 8.84 -4.08
CA TYR A 221 -2.58 8.04 -3.03
C TYR A 221 -4.11 8.13 -2.99
N LYS A 222 -4.65 9.36 -3.05
CA LYS A 222 -6.09 9.57 -2.89
C LYS A 222 -6.90 8.76 -3.88
N GLN A 223 -6.42 8.70 -5.12
CA GLN A 223 -7.00 7.91 -6.20
C GLN A 223 -7.18 6.42 -5.88
N THR A 224 -6.48 5.91 -4.87
CA THR A 224 -6.45 4.45 -4.63
C THR A 224 -7.21 4.04 -3.37
N LYS A 225 -7.73 5.01 -2.64
CA LYS A 225 -8.39 4.77 -1.35
C LYS A 225 -9.66 3.93 -1.45
N THR A 226 -9.83 3.05 -0.46
CA THR A 226 -10.91 2.07 -0.42
C THR A 226 -12.17 2.63 0.26
N ASP A 227 -13.31 2.00 0.02
CA ASP A 227 -14.58 2.42 0.61
C ASP A 227 -14.61 2.15 2.11
N PRO A 228 -14.70 3.21 2.93
CA PRO A 228 -14.67 3.09 4.40
C PRO A 228 -15.72 2.15 4.93
N LYS A 229 -16.96 2.29 4.47
CA LYS A 229 -18.06 1.45 4.95
C LYS A 229 -17.83 -0.01 4.62
N GLU A 230 -17.45 -0.29 3.38
CA GLU A 230 -17.15 -1.66 2.97
C GLU A 230 -15.99 -2.26 3.77
N LEU A 231 -15.00 -1.44 4.09
CA LEU A 231 -13.85 -1.90 4.86
C LEU A 231 -14.30 -2.39 6.25
N VAL A 232 -15.12 -1.59 6.92
CA VAL A 232 -15.60 -1.91 8.28
C VAL A 232 -16.39 -3.23 8.33
N GLU A 233 -17.38 -3.36 7.46
CA GLU A 233 -18.15 -4.61 7.38
C GLU A 233 -17.24 -5.81 7.13
N PHE A 234 -16.28 -5.63 6.22
CA PHE A 234 -15.33 -6.68 5.90
C PHE A 234 -14.50 -7.09 7.12
N TYR A 235 -13.99 -6.10 7.85
CA TYR A 235 -13.13 -6.38 9.02
C TYR A 235 -13.89 -6.93 10.23
N LYS A 236 -15.13 -6.49 10.42
CA LYS A 236 -15.99 -7.08 11.44
C LYS A 236 -16.21 -8.58 11.14
N LYS A 237 -16.46 -8.90 9.87
CA LYS A 237 -16.73 -10.28 9.49
C LYS A 237 -15.47 -11.12 9.57
N ARG A 238 -14.32 -10.49 9.31
CA ARG A 238 -13.04 -11.19 9.27
C ARG A 238 -12.43 -11.43 10.66
N PHE A 239 -12.64 -10.49 11.59
CA PHE A 239 -11.94 -10.56 12.88
C PHE A 239 -12.85 -10.63 14.11
N LEU A 240 -14.14 -10.43 13.92
CA LEU A 240 -15.08 -10.44 15.04
C LEU A 240 -16.14 -11.53 14.90
#